data_4XCH
#
_entry.id   4XCH
#
_cell.length_a   74.890
_cell.length_b   86.250
_cell.length_c   103.500
_cell.angle_alpha   90.00
_cell.angle_beta   90.00
_cell.angle_gamma   90.00
#
_symmetry.space_group_name_H-M   'P 21 21 21'
#
loop_
_entity.id
_entity.type
_entity.pdbx_description
1 polymer 'S-ribosylhomocysteine lyase'
2 non-polymer 'ZINC ION'
3 water water
#
_entity_poly.entity_id   1
_entity_poly.type   'polypeptide(L)'
_entity_poly.pdbx_seq_one_letter_code
;MGSSHHHHHHSSGLVPRGSHMASMTGGQQMGRGSMKKEVTVESFELDHTIVKAPYIRLISEEVGPKGDIITNFDIRLIQP
NENAMDTAGLHTIEHLLAKLIRQRIDGLIDCSPFGCRTGFHMIMWGKQDSEKIAQVIKSSLEEIAEGITWEDVPGTTIES
CGNYKDHSLHSAKEWAKLILSQGISTDAFERKPI
;
_entity_poly.pdbx_strand_id   A,B,C,D
#
# COMPACT_ATOMS: atom_id res chain seq x y z
N LEU A 46 -6.12 24.10 -6.58
CA LEU A 46 -7.30 23.74 -5.78
C LEU A 46 -6.90 23.54 -4.32
N ASP A 47 -7.71 24.06 -3.39
CA ASP A 47 -7.41 23.90 -1.96
C ASP A 47 -8.09 22.64 -1.43
N HIS A 48 -7.30 21.59 -1.23
CA HIS A 48 -7.84 20.28 -0.83
C HIS A 48 -8.51 20.28 0.56
N THR A 49 -8.16 21.26 1.41
CA THR A 49 -8.69 21.30 2.76
C THR A 49 -10.18 21.68 2.83
N ILE A 50 -10.67 22.36 1.80
CA ILE A 50 -12.04 22.90 1.84
C ILE A 50 -13.06 22.21 0.92
N VAL A 51 -12.62 21.26 0.11
CA VAL A 51 -13.55 20.48 -0.70
C VAL A 51 -14.38 19.57 0.20
N LYS A 52 -15.49 19.08 -0.33
CA LYS A 52 -16.34 18.16 0.42
C LYS A 52 -16.60 16.94 -0.46
N ALA A 53 -15.88 15.87 -0.20
CA ALA A 53 -15.98 14.64 -0.99
C ALA A 53 -17.11 13.74 -0.45
N PRO A 54 -17.66 12.85 -1.27
CA PRO A 54 -17.44 12.58 -2.71
C PRO A 54 -18.00 13.68 -3.58
N TYR A 55 -17.28 14.02 -4.64
CA TYR A 55 -17.73 15.01 -5.62
C TYR A 55 -17.15 14.68 -6.99
N ILE A 56 -17.75 15.26 -8.01
CA ILE A 56 -17.22 15.30 -9.37
C ILE A 56 -16.86 16.76 -9.65
N ARG A 57 -15.67 17.01 -10.18
CA ARG A 57 -15.28 18.38 -10.53
C ARG A 57 -14.63 18.39 -11.91
N LEU A 58 -15.11 19.26 -12.80
CA LEU A 58 -14.43 19.49 -14.08
C LEU A 58 -13.15 20.22 -13.78
N ILE A 59 -12.03 19.75 -14.31
CA ILE A 59 -10.76 20.42 -14.07
C ILE A 59 -10.45 21.43 -15.17
N SER A 60 -10.56 20.99 -16.42
CA SER A 60 -10.18 21.84 -17.54
C SER A 60 -10.73 21.28 -18.83
N GLU A 61 -10.81 22.13 -19.84
CA GLU A 61 -11.01 21.69 -21.21
C GLU A 61 -9.76 22.06 -21.97
N GLU A 62 -9.13 21.08 -22.60
CA GLU A 62 -7.97 21.36 -23.42
C GLU A 62 -8.43 21.33 -24.87
N VAL A 63 -7.86 22.22 -25.67
CA VAL A 63 -8.25 22.29 -27.06
C VAL A 63 -7.11 21.75 -27.88
N GLY A 64 -7.44 20.88 -28.83
CA GLY A 64 -6.43 20.34 -29.71
C GLY A 64 -5.96 21.32 -30.76
N PRO A 65 -4.84 20.98 -31.42
CA PRO A 65 -4.28 21.75 -32.54
C PRO A 65 -5.32 22.03 -33.62
N LYS A 66 -6.28 21.13 -33.80
CA LYS A 66 -7.29 21.29 -34.83
C LYS A 66 -8.69 21.51 -34.24
N GLY A 67 -8.75 21.81 -32.94
CA GLY A 67 -10.00 22.24 -32.34
C GLY A 67 -10.88 21.20 -31.67
N ASP A 68 -10.39 19.97 -31.58
CA ASP A 68 -11.13 18.98 -30.80
C ASP A 68 -10.94 19.33 -29.33
N ILE A 69 -12.02 19.22 -28.56
CA ILE A 69 -11.98 19.48 -27.14
C ILE A 69 -11.89 18.18 -26.34
N ILE A 70 -11.13 18.23 -25.24
CA ILE A 70 -10.97 17.11 -24.33
C ILE A 70 -11.27 17.62 -22.92
N THR A 71 -12.06 16.89 -22.14
CA THR A 71 -12.36 17.33 -20.77
C THR A 71 -11.73 16.43 -19.72
N ASN A 72 -11.21 17.05 -18.66
CA ASN A 72 -10.62 16.32 -17.54
C ASN A 72 -11.50 16.44 -16.30
N PHE A 73 -11.74 15.31 -15.65
CA PHE A 73 -12.59 15.30 -14.47
C PHE A 73 -11.85 14.73 -13.26
N ASP A 74 -12.04 15.39 -12.12
CA ASP A 74 -11.56 14.96 -10.81
C ASP A 74 -12.72 14.21 -10.18
N ILE A 75 -12.58 12.89 -10.06
CA ILE A 75 -13.61 12.06 -9.45
C ILE A 75 -13.15 11.76 -8.03
N ARG A 76 -13.56 12.59 -7.07
CA ARG A 76 -13.02 12.46 -5.72
C ARG A 76 -13.92 11.61 -4.84
N LEU A 77 -13.50 10.38 -4.59
CA LEU A 77 -14.29 9.41 -3.82
C LEU A 77 -14.07 9.53 -2.30
N ILE A 78 -12.98 10.17 -1.89
CA ILE A 78 -12.56 10.17 -0.49
C ILE A 78 -12.07 11.54 -0.07
N GLN A 79 -12.43 11.97 1.13
CA GLN A 79 -12.03 13.28 1.62
C GLN A 79 -10.52 13.39 1.65
N PRO A 80 -9.98 14.39 0.94
CA PRO A 80 -8.52 14.56 0.91
C PRO A 80 -7.90 14.58 2.31
N ASN A 81 -6.87 13.74 2.49
CA ASN A 81 -6.05 13.67 3.70
C ASN A 81 -6.74 13.11 4.94
N GLU A 82 -7.96 12.62 4.78
CA GLU A 82 -8.63 12.00 5.92
C GLU A 82 -8.60 10.48 5.85
N ASN A 83 -8.40 9.95 4.64
CA ASN A 83 -8.41 8.53 4.43
C ASN A 83 -7.87 8.31 3.02
N ALA A 84 -7.73 7.05 2.63
CA ALA A 84 -7.26 6.70 1.29
C ALA A 84 -7.60 5.26 1.03
N MET A 85 -7.88 4.94 -0.22
CA MET A 85 -8.30 3.60 -0.57
C MET A 85 -7.08 2.67 -0.62
N ASP A 86 -7.22 1.46 -0.09
CA ASP A 86 -6.13 0.49 -0.16
C ASP A 86 -5.91 0.07 -1.62
N THR A 87 -4.70 -0.38 -1.96
CA THR A 87 -4.36 -0.60 -3.37
C THR A 87 -5.24 -1.63 -4.06
N ALA A 88 -5.61 -2.70 -3.36
CA ALA A 88 -6.38 -3.79 -3.98
C ALA A 88 -7.77 -3.32 -4.40
N GLY A 89 -8.50 -2.68 -3.48
CA GLY A 89 -9.81 -2.13 -3.81
C GLY A 89 -9.72 -1.12 -4.95
N LEU A 90 -8.73 -0.24 -4.89
CA LEU A 90 -8.54 0.79 -5.89
C LEU A 90 -8.28 0.19 -7.27
N HIS A 91 -7.42 -0.83 -7.29
CA HIS A 91 -7.12 -1.57 -8.48
C HIS A 91 -8.36 -2.27 -9.05
N THR A 92 -9.13 -2.93 -8.20
CA THR A 92 -10.32 -3.64 -8.68
C THR A 92 -11.36 -2.65 -9.21
N ILE A 93 -11.59 -1.59 -8.46
CA ILE A 93 -12.50 -0.52 -8.89
C ILE A 93 -12.05 0.09 -10.22
N GLU A 94 -10.74 0.28 -10.38
CA GLU A 94 -10.22 0.80 -11.65
C GLU A 94 -10.57 -0.13 -12.84
N HIS A 95 -10.46 -1.43 -12.64
CA HIS A 95 -10.81 -2.37 -13.70
C HIS A 95 -12.31 -2.30 -14.00
N LEU A 96 -13.13 -2.20 -12.97
CA LEU A 96 -14.56 -2.23 -13.15
C LEU A 96 -15.07 -0.94 -13.76
N LEU A 97 -14.56 0.20 -13.26
CA LEU A 97 -14.95 1.51 -13.77
C LEU A 97 -14.74 1.64 -15.27
N ALA A 98 -13.54 1.28 -15.73
CA ALA A 98 -13.21 1.28 -17.15
C ALA A 98 -14.29 0.62 -18.02
N LYS A 99 -14.73 -0.57 -17.64
CA LYS A 99 -15.82 -1.26 -18.33
C LYS A 99 -17.20 -0.63 -18.09
N LEU A 100 -17.51 -0.33 -16.83
CA LEU A 100 -18.85 0.15 -16.49
C LEU A 100 -19.15 1.55 -17.04
N ILE A 101 -18.12 2.38 -17.10
CA ILE A 101 -18.32 3.74 -17.61
C ILE A 101 -18.57 3.72 -19.12
N ARG A 102 -17.86 2.85 -19.82
CA ARG A 102 -18.03 2.71 -21.26
C ARG A 102 -19.39 2.11 -21.66
N GLN A 103 -20.03 1.39 -20.75
CA GLN A 103 -21.38 0.88 -20.99
C GLN A 103 -22.40 2.02 -20.95
N ARG A 104 -22.01 3.15 -20.36
CA ARG A 104 -22.97 4.21 -20.07
C ARG A 104 -22.67 5.51 -20.82
N ILE A 105 -21.47 5.63 -21.37
CA ILE A 105 -21.11 6.89 -22.02
C ILE A 105 -20.00 6.68 -23.04
N ASP A 106 -20.04 7.46 -24.12
CA ASP A 106 -19.04 7.37 -25.19
C ASP A 106 -18.01 8.46 -24.99
N GLY A 107 -16.83 8.28 -25.57
CA GLY A 107 -15.80 9.30 -25.50
C GLY A 107 -14.84 9.18 -24.32
N LEU A 108 -14.94 8.10 -23.54
CA LEU A 108 -13.98 7.92 -22.46
C LEU A 108 -12.62 7.63 -23.04
N ILE A 109 -11.64 8.46 -22.70
CA ILE A 109 -10.28 8.28 -23.16
C ILE A 109 -9.51 7.46 -22.14
N ASP A 110 -9.73 7.76 -20.86
CA ASP A 110 -9.05 7.08 -19.76
C ASP A 110 -9.67 7.42 -18.40
N CYS A 111 -9.63 6.45 -17.49
CA CYS A 111 -10.05 6.66 -16.10
C CYS A 111 -9.00 6.04 -15.18
N SER A 112 -8.02 6.84 -14.77
CA SER A 112 -6.91 6.34 -13.98
C SER A 112 -6.98 6.79 -12.52
N PRO A 113 -6.49 5.95 -11.61
CA PRO A 113 -6.45 6.28 -10.18
C PRO A 113 -5.46 7.41 -9.89
N PHE A 114 -5.85 8.35 -9.04
CA PHE A 114 -4.92 9.35 -8.52
C PHE A 114 -3.78 8.65 -7.78
N GLY A 115 -2.58 9.20 -7.90
CA GLY A 115 -1.47 8.77 -7.07
C GLY A 115 -1.75 8.89 -5.58
N CYS A 116 -2.65 9.79 -5.19
CA CYS A 116 -2.93 10.02 -3.79
C CYS A 116 -3.96 9.03 -3.25
N ARG A 117 -4.56 8.27 -4.16
CA ARG A 117 -5.51 7.22 -3.82
C ARG A 117 -6.82 7.72 -3.17
N THR A 118 -7.25 8.93 -3.54
CA THR A 118 -8.51 9.45 -3.05
C THR A 118 -9.55 9.57 -4.15
N GLY A 119 -9.23 9.07 -5.34
CA GLY A 119 -10.16 9.15 -6.45
C GLY A 119 -9.59 8.78 -7.81
N PHE A 120 -10.26 9.24 -8.87
CA PHE A 120 -9.85 8.88 -10.23
C PHE A 120 -9.76 10.10 -11.15
N HIS A 121 -8.85 10.04 -12.10
CA HIS A 121 -8.77 11.07 -13.14
C HIS A 121 -9.53 10.56 -14.35
N MET A 122 -10.51 11.31 -14.81
CA MET A 122 -11.31 10.87 -15.94
C MET A 122 -11.12 11.82 -17.11
N ILE A 123 -10.69 11.26 -18.25
CA ILE A 123 -10.48 12.04 -19.47
C ILE A 123 -11.50 11.63 -20.53
N MET A 124 -12.18 12.60 -21.12
CA MET A 124 -13.20 12.32 -22.11
C MET A 124 -13.06 13.19 -23.34
N TRP A 125 -13.45 12.64 -24.49
CA TRP A 125 -13.58 13.43 -25.71
C TRP A 125 -14.74 14.41 -25.56
N GLY A 126 -14.56 15.63 -26.05
CA GLY A 126 -15.65 16.58 -26.18
C GLY A 126 -16.09 17.25 -24.89
N LYS A 127 -16.98 18.24 -25.00
CA LYS A 127 -17.53 18.88 -23.82
C LYS A 127 -18.42 17.91 -23.08
N GLN A 128 -18.44 18.03 -21.77
CA GLN A 128 -19.23 17.14 -20.93
C GLN A 128 -19.73 17.88 -19.69
N ASP A 129 -20.89 17.45 -19.22
CA ASP A 129 -21.58 18.04 -18.08
C ASP A 129 -21.19 17.30 -16.79
N SER A 130 -20.75 18.06 -15.79
CA SER A 130 -20.36 17.53 -14.49
C SER A 130 -21.49 16.75 -13.78
N GLU A 131 -22.74 17.06 -14.16
CA GLU A 131 -23.93 16.42 -13.61
C GLU A 131 -24.19 15.05 -14.26
N LYS A 132 -24.04 14.95 -15.57
CA LYS A 132 -24.17 13.65 -16.22
C LYS A 132 -22.99 12.76 -15.85
N ILE A 133 -21.82 13.35 -15.66
CA ILE A 133 -20.68 12.58 -15.18
C ILE A 133 -21.02 11.98 -13.82
N ALA A 134 -21.69 12.78 -13.00
CA ALA A 134 -22.11 12.33 -11.67
C ALA A 134 -23.03 11.12 -11.72
N GLN A 135 -24.00 11.13 -12.64
CA GLN A 135 -24.94 10.02 -12.79
C GLN A 135 -24.21 8.77 -13.28
N VAL A 136 -23.26 8.94 -14.18
CA VAL A 136 -22.52 7.82 -14.74
C VAL A 136 -21.66 7.14 -13.66
N ILE A 137 -21.03 7.94 -12.81
CA ILE A 137 -20.22 7.38 -11.74
C ILE A 137 -21.11 6.73 -10.68
N LYS A 138 -22.15 7.46 -10.25
CA LYS A 138 -23.10 6.90 -9.29
C LYS A 138 -23.69 5.57 -9.77
N SER A 139 -24.18 5.55 -11.01
CA SER A 139 -24.72 4.32 -11.62
C SER A 139 -23.67 3.21 -11.62
N SER A 140 -22.44 3.54 -11.96
CA SER A 140 -21.36 2.55 -11.94
C SER A 140 -21.10 2.00 -10.53
N LEU A 141 -21.05 2.89 -9.54
CA LEU A 141 -20.80 2.47 -8.15
C LEU A 141 -21.94 1.58 -7.61
N GLU A 142 -23.18 1.91 -7.96
CA GLU A 142 -24.32 1.08 -7.57
C GLU A 142 -24.14 -0.36 -8.08
N GLU A 143 -23.69 -0.54 -9.31
CA GLU A 143 -23.46 -1.87 -9.85
C GLU A 143 -22.33 -2.62 -9.13
N ILE A 144 -21.21 -1.94 -8.88
CA ILE A 144 -20.13 -2.53 -8.10
C ILE A 144 -20.66 -2.91 -6.72
N ALA A 145 -21.45 -2.02 -6.11
CA ALA A 145 -21.97 -2.29 -4.77
C ALA A 145 -22.94 -3.47 -4.73
N GLU A 146 -23.78 -3.57 -5.76
CA GLU A 146 -24.95 -4.44 -5.73
C GLU A 146 -24.89 -5.64 -6.69
N GLY A 147 -24.34 -5.44 -7.88
CA GLY A 147 -24.47 -6.42 -8.95
C GLY A 147 -23.22 -6.91 -9.67
N ILE A 148 -22.07 -6.87 -8.99
CA ILE A 148 -20.84 -7.38 -9.61
C ILE A 148 -20.35 -8.60 -8.85
N THR A 149 -20.08 -9.68 -9.58
CA THR A 149 -19.42 -10.86 -9.03
C THR A 149 -17.97 -10.86 -9.48
N TRP A 150 -17.18 -11.77 -8.95
CA TRP A 150 -15.79 -11.89 -9.34
C TRP A 150 -15.63 -12.08 -10.84
N GLU A 151 -16.51 -12.88 -11.43
CA GLU A 151 -16.39 -13.24 -12.84
C GLU A 151 -16.61 -12.03 -13.75
N ASP A 152 -17.21 -10.98 -13.19
CA ASP A 152 -17.47 -9.73 -13.90
C ASP A 152 -16.32 -8.73 -13.84
N VAL A 153 -15.33 -9.00 -13.01
CA VAL A 153 -14.10 -8.21 -12.97
C VAL A 153 -13.16 -8.65 -14.10
N PRO A 154 -12.93 -7.76 -15.07
CA PRO A 154 -12.06 -8.05 -16.22
C PRO A 154 -10.58 -7.96 -15.86
N GLY A 155 -9.77 -8.83 -16.47
CA GLY A 155 -8.33 -8.77 -16.33
C GLY A 155 -7.80 -9.09 -14.95
N THR A 156 -8.15 -10.27 -14.43
CA THR A 156 -7.68 -10.64 -13.11
C THR A 156 -6.79 -11.86 -13.18
N THR A 157 -6.13 -12.05 -14.32
CA THR A 157 -5.18 -13.14 -14.47
C THR A 157 -3.77 -12.59 -14.67
N ILE A 158 -2.79 -13.47 -14.49
CA ILE A 158 -1.39 -13.14 -14.68
C ILE A 158 -1.04 -12.69 -16.11
N GLU A 159 -1.80 -13.12 -17.11
CA GLU A 159 -1.55 -12.67 -18.48
C GLU A 159 -2.18 -11.31 -18.79
N SER A 160 -3.27 -10.99 -18.10
CA SER A 160 -4.08 -9.83 -18.46
C SER A 160 -3.86 -8.61 -17.56
N CYS A 161 -3.11 -8.78 -16.48
CA CYS A 161 -2.94 -7.69 -15.52
C CYS A 161 -1.53 -7.72 -14.94
N GLY A 162 -0.94 -6.54 -14.76
CA GLY A 162 0.44 -6.44 -14.31
C GLY A 162 0.69 -6.60 -12.82
N ASN A 163 -0.38 -6.81 -12.05
CA ASN A 163 -0.26 -7.15 -10.63
C ASN A 163 -1.54 -7.87 -10.21
N TYR A 164 -1.74 -9.06 -10.76
CA TYR A 164 -3.06 -9.68 -10.74
C TYR A 164 -3.45 -10.15 -9.35
N LYS A 165 -2.47 -10.30 -8.47
CA LYS A 165 -2.76 -10.68 -7.09
C LYS A 165 -3.38 -9.54 -6.29
N ASP A 166 -3.04 -8.30 -6.64
CA ASP A 166 -3.51 -7.14 -5.88
C ASP A 166 -4.94 -6.72 -6.30
N HIS A 167 -5.89 -7.60 -6.04
CA HIS A 167 -7.28 -7.34 -6.33
C HIS A 167 -8.12 -7.77 -5.15
N SER A 168 -9.25 -7.08 -4.97
CA SER A 168 -10.20 -7.43 -3.94
C SER A 168 -11.58 -6.94 -4.29
N LEU A 169 -12.49 -7.86 -4.59
CA LEU A 169 -13.88 -7.49 -4.81
C LEU A 169 -14.55 -7.10 -3.48
N HIS A 170 -14.14 -7.75 -2.40
CA HIS A 170 -14.60 -7.38 -1.07
C HIS A 170 -14.35 -5.90 -0.80
N SER A 171 -13.12 -5.46 -1.04
CA SER A 171 -12.75 -4.06 -0.81
C SER A 171 -13.53 -3.11 -1.73
N ALA A 172 -13.57 -3.44 -3.02
CA ALA A 172 -14.33 -2.65 -4.00
C ALA A 172 -15.79 -2.47 -3.62
N LYS A 173 -16.46 -3.56 -3.30
CA LYS A 173 -17.88 -3.51 -2.90
C LYS A 173 -18.08 -2.66 -1.66
N GLU A 174 -17.25 -2.87 -0.63
CA GLU A 174 -17.38 -2.10 0.60
C GLU A 174 -17.09 -0.63 0.41
N TRP A 175 -16.10 -0.29 -0.42
CA TRP A 175 -15.81 1.12 -0.65
C TRP A 175 -16.96 1.77 -1.45
N ALA A 176 -17.48 1.05 -2.45
CA ALA A 176 -18.59 1.58 -3.26
C ALA A 176 -19.80 1.88 -2.39
N LYS A 177 -20.14 0.97 -1.49
CA LYS A 177 -21.23 1.20 -0.53
C LYS A 177 -20.98 2.43 0.33
N LEU A 178 -19.75 2.60 0.78
CA LEU A 178 -19.44 3.71 1.66
C LEU A 178 -19.60 5.02 0.90
N ILE A 179 -19.05 5.08 -0.31
CA ILE A 179 -19.13 6.27 -1.16
C ILE A 179 -20.57 6.65 -1.51
N LEU A 180 -21.37 5.68 -1.94
CA LEU A 180 -22.78 5.95 -2.27
C LEU A 180 -23.58 6.48 -1.08
N SER A 181 -23.27 6.00 0.12
CA SER A 181 -24.04 6.37 1.30
C SER A 181 -23.73 7.81 1.76
N GLN A 182 -22.61 8.36 1.29
CA GLN A 182 -22.26 9.76 1.53
C GLN A 182 -22.82 10.69 0.44
N GLY A 183 -23.26 10.09 -0.68
CA GLY A 183 -23.74 10.87 -1.81
C GLY A 183 -22.62 11.41 -2.70
N ILE A 184 -22.89 11.49 -4.00
CA ILE A 184 -21.94 12.07 -4.94
C ILE A 184 -22.35 13.51 -5.28
N SER A 185 -21.55 14.50 -4.87
CA SER A 185 -21.90 15.89 -5.19
C SER A 185 -21.45 16.29 -6.58
N THR A 186 -22.20 17.18 -7.21
CA THR A 186 -21.79 17.73 -8.51
C THR A 186 -20.94 18.98 -8.33
N ASP A 187 -20.72 19.40 -7.09
CA ASP A 187 -19.86 20.55 -6.83
C ASP A 187 -18.89 20.26 -5.68
N ALA A 188 -17.63 20.66 -5.85
CA ALA A 188 -16.55 20.28 -4.92
C ALA A 188 -16.60 20.95 -3.54
N PHE A 189 -17.23 22.12 -3.47
CA PHE A 189 -17.16 22.95 -2.26
C PHE A 189 -18.49 23.01 -1.54
N GLU A 190 -19.54 22.58 -2.22
CA GLU A 190 -20.87 22.67 -1.67
C GLU A 190 -21.57 21.34 -1.94
N ARG A 191 -22.15 20.73 -0.90
CA ARG A 191 -22.84 19.47 -1.09
C ARG A 191 -24.04 19.60 -2.03
N LYS A 192 -23.88 19.17 -3.29
CA LYS A 192 -24.99 19.09 -4.23
C LYS A 192 -25.17 17.67 -4.78
N PRO A 193 -25.68 16.77 -3.94
CA PRO A 193 -25.78 15.33 -4.23
C PRO A 193 -26.74 15.00 -5.38
N ILE A 194 -26.31 14.12 -6.28
CA ILE A 194 -27.13 13.67 -7.41
C ILE A 194 -27.93 12.44 -6.99
N LEU B 46 -2.81 -7.37 -24.46
CA LEU B 46 -1.38 -7.58 -24.16
C LEU B 46 -1.16 -8.75 -23.21
N ASP B 47 -0.26 -9.65 -23.60
CA ASP B 47 0.15 -10.76 -22.75
C ASP B 47 1.29 -10.30 -21.84
N HIS B 48 0.98 -10.06 -20.58
CA HIS B 48 1.96 -9.50 -19.64
C HIS B 48 3.10 -10.45 -19.28
N THR B 49 2.88 -11.75 -19.46
CA THR B 49 3.89 -12.76 -19.13
C THR B 49 5.15 -12.68 -20.00
N ILE B 50 5.02 -12.16 -21.22
CA ILE B 50 6.14 -12.14 -22.17
C ILE B 50 6.75 -10.77 -22.50
N VAL B 51 6.21 -9.70 -21.93
CA VAL B 51 6.84 -8.40 -22.10
C VAL B 51 8.15 -8.39 -21.31
N LYS B 52 9.07 -7.49 -21.65
CA LYS B 52 10.33 -7.38 -20.91
C LYS B 52 10.54 -5.93 -20.44
N ALA B 53 10.11 -5.64 -19.22
CA ALA B 53 10.20 -4.30 -18.66
C ALA B 53 11.62 -4.04 -18.18
N PRO B 54 12.03 -2.76 -18.10
CA PRO B 54 11.29 -1.53 -18.42
C PRO B 54 11.19 -1.26 -19.92
N TYR B 55 10.03 -0.77 -20.34
CA TYR B 55 9.79 -0.48 -21.75
C TYR B 55 8.79 0.65 -21.95
N ILE B 56 8.80 1.23 -23.14
CA ILE B 56 7.73 2.15 -23.55
C ILE B 56 6.96 1.48 -24.68
N ARG B 57 5.64 1.48 -24.61
CA ARG B 57 4.85 0.86 -25.66
C ARG B 57 3.68 1.76 -26.05
N LEU B 58 3.55 2.03 -27.35
CA LEU B 58 2.38 2.72 -27.86
C LEU B 58 1.16 1.80 -27.74
N ILE B 59 0.18 2.22 -26.96
CA ILE B 59 -1.04 1.43 -26.82
C ILE B 59 -1.97 1.66 -28.00
N SER B 60 -2.34 2.93 -28.22
CA SER B 60 -3.28 3.28 -29.28
C SER B 60 -3.18 4.75 -29.71
N GLU B 61 -3.74 5.03 -30.90
CA GLU B 61 -4.05 6.40 -31.32
C GLU B 61 -5.55 6.50 -31.50
N GLU B 62 -6.13 7.61 -31.04
CA GLU B 62 -7.55 7.87 -31.28
C GLU B 62 -7.68 9.21 -32.00
N VAL B 63 -8.64 9.31 -32.91
CA VAL B 63 -8.83 10.54 -33.65
C VAL B 63 -10.11 11.23 -33.22
N GLY B 64 -10.04 12.55 -33.06
CA GLY B 64 -11.24 13.35 -32.79
C GLY B 64 -11.85 13.89 -34.07
N PRO B 65 -13.16 14.17 -34.03
CA PRO B 65 -13.99 14.73 -35.12
C PRO B 65 -13.29 15.80 -35.97
N LYS B 66 -12.47 16.64 -35.35
CA LYS B 66 -11.76 17.69 -36.09
C LYS B 66 -10.39 17.21 -36.58
N GLY B 67 -10.12 15.91 -36.45
CA GLY B 67 -8.88 15.33 -36.94
C GLY B 67 -7.72 15.30 -35.95
N ASP B 68 -7.98 15.61 -34.69
CA ASP B 68 -6.90 15.60 -33.70
C ASP B 68 -6.53 14.19 -33.26
N ILE B 69 -5.23 13.97 -33.14
CA ILE B 69 -4.68 12.70 -32.70
C ILE B 69 -4.34 12.76 -31.21
N ILE B 70 -4.80 11.76 -30.45
CA ILE B 70 -4.28 11.54 -29.10
C ILE B 70 -3.60 10.19 -29.08
N THR B 71 -2.40 10.16 -28.51
CA THR B 71 -1.64 8.93 -28.39
C THR B 71 -1.62 8.49 -26.92
N ASN B 72 -1.78 7.19 -26.69
CA ASN B 72 -1.71 6.63 -25.34
C ASN B 72 -0.46 5.77 -25.23
N PHE B 73 0.30 5.95 -24.16
CA PHE B 73 1.49 5.12 -23.94
C PHE B 73 1.45 4.30 -22.65
N ASP B 74 2.01 3.09 -22.73
CA ASP B 74 2.24 2.20 -21.60
C ASP B 74 3.69 2.47 -21.20
N ILE B 75 3.90 3.17 -20.09
CA ILE B 75 5.25 3.35 -19.57
C ILE B 75 5.47 2.28 -18.49
N ARG B 76 6.03 1.13 -18.87
CA ARG B 76 6.17 0.03 -17.93
C ARG B 76 7.53 0.08 -17.25
N LEU B 77 7.54 0.49 -15.99
CA LEU B 77 8.76 0.68 -15.24
C LEU B 77 9.18 -0.60 -14.54
N ILE B 78 8.25 -1.50 -14.29
CA ILE B 78 8.52 -2.70 -13.49
C ILE B 78 7.98 -3.93 -14.19
N GLN B 79 8.69 -5.05 -14.12
CA GLN B 79 8.22 -6.30 -14.73
C GLN B 79 6.92 -6.79 -14.11
N PRO B 80 5.85 -6.90 -14.94
CA PRO B 80 4.53 -7.30 -14.45
C PRO B 80 4.57 -8.55 -13.58
N ASN B 81 3.94 -8.45 -12.42
CA ASN B 81 3.74 -9.59 -11.51
C ASN B 81 4.99 -10.06 -10.79
N GLU B 82 6.11 -9.39 -11.01
CA GLU B 82 7.33 -9.69 -10.27
C GLU B 82 7.59 -8.71 -9.13
N ASN B 83 7.10 -7.48 -9.25
CA ASN B 83 7.30 -6.48 -8.19
C ASN B 83 6.25 -5.40 -8.38
N ALA B 84 6.20 -4.43 -7.47
CA ALA B 84 5.24 -3.34 -7.58
C ALA B 84 5.77 -2.17 -6.78
N MET B 85 5.54 -0.96 -7.27
CA MET B 85 6.09 0.19 -6.60
C MET B 85 5.23 0.50 -5.37
N ASP B 86 5.87 0.82 -4.25
CA ASP B 86 5.10 1.19 -3.07
C ASP B 86 4.41 2.55 -3.30
N THR B 87 3.31 2.82 -2.61
CA THR B 87 2.48 3.98 -2.94
C THR B 87 3.22 5.31 -2.83
N ALA B 88 4.06 5.46 -1.82
CA ALA B 88 4.77 6.74 -1.59
C ALA B 88 5.73 7.06 -2.72
N GLY B 89 6.55 6.09 -3.11
CA GLY B 89 7.49 6.30 -4.21
C GLY B 89 6.75 6.60 -5.49
N LEU B 90 5.70 5.82 -5.75
CA LEU B 90 4.86 6.00 -6.91
C LEU B 90 4.20 7.39 -6.91
N HIS B 91 3.79 7.82 -5.74
CA HIS B 91 3.08 9.09 -5.61
C HIS B 91 4.04 10.24 -5.93
N THR B 92 5.22 10.20 -5.31
CA THR B 92 6.23 11.24 -5.53
C THR B 92 6.72 11.27 -6.99
N ILE B 93 6.87 10.09 -7.60
CA ILE B 93 7.27 10.02 -9.00
C ILE B 93 6.19 10.62 -9.89
N GLU B 94 4.92 10.38 -9.56
CA GLU B 94 3.82 10.93 -10.34
C GLU B 94 3.88 12.46 -10.35
N HIS B 95 4.11 13.06 -9.18
CA HIS B 95 4.22 14.51 -9.05
C HIS B 95 5.41 15.05 -9.85
N LEU B 96 6.52 14.32 -9.81
CA LEU B 96 7.75 14.76 -10.48
C LEU B 96 7.67 14.56 -11.99
N LEU B 97 7.13 13.43 -12.42
CA LEU B 97 7.04 13.14 -13.85
C LEU B 97 6.12 14.17 -14.53
N ALA B 98 5.10 14.62 -13.81
CA ALA B 98 4.20 15.65 -14.33
C ALA B 98 4.96 16.91 -14.78
N LYS B 99 5.81 17.46 -13.91
CA LYS B 99 6.63 18.61 -14.33
C LYS B 99 7.82 18.25 -15.24
N LEU B 100 8.57 17.20 -14.90
CA LEU B 100 9.77 16.87 -15.68
C LEU B 100 9.48 16.55 -17.15
N ILE B 101 8.38 15.86 -17.42
CA ILE B 101 8.03 15.53 -18.80
C ILE B 101 7.71 16.80 -19.60
N ARG B 102 6.91 17.69 -19.02
CA ARG B 102 6.55 18.97 -19.64
C ARG B 102 7.74 19.88 -19.96
N GLN B 103 8.81 19.79 -19.17
CA GLN B 103 10.02 20.54 -19.46
C GLN B 103 10.75 19.99 -20.69
N ARG B 104 10.36 18.81 -21.16
CA ARG B 104 11.14 18.16 -22.21
C ARG B 104 10.40 17.96 -23.53
N ILE B 105 9.07 18.01 -23.49
CA ILE B 105 8.29 17.78 -24.70
C ILE B 105 6.90 18.41 -24.55
N ASP B 106 6.29 18.80 -25.67
CA ASP B 106 4.97 19.41 -25.66
C ASP B 106 3.87 18.38 -25.89
N GLY B 107 2.65 18.73 -25.49
CA GLY B 107 1.50 17.90 -25.79
C GLY B 107 1.07 16.96 -24.69
N LEU B 108 1.76 16.97 -23.55
CA LEU B 108 1.37 16.07 -22.47
C LEU B 108 -0.02 16.43 -21.97
N ILE B 109 -0.96 15.51 -22.14
CA ILE B 109 -2.29 15.68 -21.58
C ILE B 109 -2.31 15.15 -20.16
N ASP B 110 -1.79 13.93 -19.97
CA ASP B 110 -1.82 13.33 -18.64
C ASP B 110 -0.79 12.21 -18.43
N CYS B 111 -0.25 12.14 -17.22
CA CYS B 111 0.65 11.04 -16.86
C CYS B 111 0.25 10.44 -15.52
N SER B 112 -0.61 9.41 -15.57
CA SER B 112 -1.22 8.83 -14.37
C SER B 112 -0.70 7.42 -14.08
N PRO B 113 -0.57 7.07 -12.79
CA PRO B 113 -0.09 5.73 -12.42
C PRO B 113 -1.08 4.63 -12.80
N PHE B 114 -0.56 3.44 -13.07
CA PHE B 114 -1.40 2.26 -13.28
C PHE B 114 -1.91 1.81 -11.92
N GLY B 115 -3.14 1.32 -11.86
CA GLY B 115 -3.64 0.73 -10.64
C GLY B 115 -2.80 -0.45 -10.19
N CYS B 116 -2.13 -1.10 -11.14
CA CYS B 116 -1.27 -2.23 -10.80
C CYS B 116 0.12 -1.84 -10.27
N ARG B 117 0.44 -0.54 -10.35
CA ARG B 117 1.67 0.00 -9.74
C ARG B 117 2.98 -0.46 -10.40
N THR B 118 2.92 -0.78 -11.68
CA THR B 118 4.12 -1.22 -12.41
C THR B 118 4.53 -0.21 -13.46
N GLY B 119 3.79 0.89 -13.52
CA GLY B 119 4.13 1.92 -14.50
C GLY B 119 3.13 3.05 -14.54
N PHE B 120 3.20 3.83 -15.63
CA PHE B 120 2.36 5.02 -15.82
C PHE B 120 1.67 4.98 -17.17
N HIS B 121 0.47 5.54 -17.20
CA HIS B 121 -0.25 5.75 -18.45
C HIS B 121 0.07 7.18 -18.92
N MET B 122 0.52 7.32 -20.16
CA MET B 122 0.89 8.62 -20.67
C MET B 122 0.08 8.95 -21.91
N ILE B 123 -0.61 10.09 -21.85
CA ILE B 123 -1.52 10.53 -22.88
C ILE B 123 -1.04 11.86 -23.45
N MET B 124 -0.95 11.94 -24.78
CA MET B 124 -0.33 13.09 -25.43
C MET B 124 -1.11 13.54 -26.65
N TRP B 125 -1.06 14.84 -26.94
CA TRP B 125 -1.59 15.32 -28.22
C TRP B 125 -0.62 14.92 -29.31
N GLY B 126 -1.15 14.59 -30.48
CA GLY B 126 -0.32 14.40 -31.66
C GLY B 126 0.33 13.05 -31.82
N LYS B 127 0.89 12.81 -33.01
CA LYS B 127 1.54 11.55 -33.33
C LYS B 127 2.73 11.22 -32.42
N GLN B 128 2.91 9.93 -32.21
CA GLN B 128 3.77 9.33 -31.20
C GLN B 128 5.27 9.58 -31.27
N ASP B 129 5.98 8.47 -31.46
CA ASP B 129 7.44 8.28 -31.44
C ASP B 129 7.90 7.60 -30.15
N SER B 130 7.68 6.29 -30.09
CA SER B 130 8.05 5.49 -28.92
C SER B 130 9.53 5.67 -28.50
N GLU B 131 10.39 5.89 -29.49
CA GLU B 131 11.82 6.13 -29.22
C GLU B 131 12.05 7.50 -28.57
N LYS B 132 11.31 8.51 -29.01
CA LYS B 132 11.44 9.84 -28.42
C LYS B 132 10.84 9.86 -27.01
N ILE B 133 9.72 9.17 -26.85
CA ILE B 133 9.10 9.05 -25.53
C ILE B 133 10.05 8.34 -24.57
N ALA B 134 10.71 7.28 -25.05
CA ALA B 134 11.66 6.57 -24.21
C ALA B 134 12.78 7.51 -23.75
N GLN B 135 13.22 8.41 -24.63
CA GLN B 135 14.30 9.33 -24.29
C GLN B 135 13.90 10.34 -23.22
N VAL B 136 12.71 10.93 -23.36
CA VAL B 136 12.14 11.82 -22.34
C VAL B 136 12.03 11.14 -20.96
N ILE B 137 11.44 9.94 -20.92
CA ILE B 137 11.31 9.18 -19.68
C ILE B 137 12.67 8.88 -19.06
N LYS B 138 13.61 8.42 -19.89
CA LYS B 138 14.96 8.17 -19.42
C LYS B 138 15.55 9.45 -18.83
N SER B 139 15.45 10.54 -19.57
CA SER B 139 15.96 11.83 -19.10
C SER B 139 15.29 12.31 -17.81
N SER B 140 13.98 12.13 -17.69
CA SER B 140 13.28 12.53 -16.46
C SER B 140 13.72 11.70 -15.25
N LEU B 141 13.88 10.38 -15.45
CA LEU B 141 14.31 9.48 -14.38
C LEU B 141 15.73 9.76 -13.90
N GLU B 142 16.62 10.08 -14.84
CA GLU B 142 17.98 10.50 -14.50
C GLU B 142 17.96 11.76 -13.64
N GLU B 143 16.98 12.63 -13.86
CA GLU B 143 16.89 13.84 -13.05
C GLU B 143 16.37 13.54 -11.64
N ILE B 144 15.37 12.67 -11.54
CA ILE B 144 14.85 12.24 -10.26
C ILE B 144 15.95 11.55 -9.44
N ALA B 145 16.73 10.70 -10.10
CA ALA B 145 17.77 9.95 -9.41
C ALA B 145 18.90 10.83 -8.86
N GLU B 146 19.22 11.93 -9.55
CA GLU B 146 20.39 12.73 -9.15
C GLU B 146 20.14 14.24 -8.92
N GLY B 147 19.26 14.86 -9.69
CA GLY B 147 19.06 16.30 -9.60
C GLY B 147 17.97 16.82 -8.66
N ILE B 148 16.98 15.99 -8.37
CA ILE B 148 15.82 16.40 -7.57
C ILE B 148 16.05 16.42 -6.04
N THR B 149 15.68 17.54 -5.41
CA THR B 149 15.68 17.66 -3.95
C THR B 149 14.22 17.77 -3.47
N TRP B 150 14.02 17.64 -2.16
CA TRP B 150 12.67 17.71 -1.61
C TRP B 150 11.88 18.93 -2.07
N GLU B 151 12.57 20.07 -2.14
CA GLU B 151 11.93 21.34 -2.50
C GLU B 151 11.57 21.41 -3.98
N ASP B 152 12.07 20.45 -4.76
CA ASP B 152 11.75 20.34 -6.19
C ASP B 152 10.48 19.54 -6.45
N VAL B 153 9.94 18.89 -5.42
CA VAL B 153 8.69 18.14 -5.61
C VAL B 153 7.48 19.04 -5.38
N PRO B 154 6.64 19.18 -6.40
CA PRO B 154 5.41 19.98 -6.29
C PRO B 154 4.31 19.23 -5.54
N GLY B 155 3.39 19.99 -4.94
CA GLY B 155 2.23 19.39 -4.29
C GLY B 155 2.53 18.52 -3.10
N THR B 156 3.32 18.99 -2.15
CA THR B 156 3.58 18.18 -0.96
C THR B 156 3.03 18.79 0.32
N THR B 157 1.97 19.59 0.20
CA THR B 157 1.31 20.17 1.38
C THR B 157 -0.13 19.68 1.48
N ILE B 158 -0.73 19.91 2.64
CA ILE B 158 -2.07 19.44 2.90
C ILE B 158 -3.13 20.15 2.04
N GLU B 159 -2.79 21.34 1.56
CA GLU B 159 -3.66 22.13 0.64
C GLU B 159 -3.54 21.66 -0.82
N SER B 160 -2.34 21.28 -1.24
CA SER B 160 -2.08 21.04 -2.66
C SER B 160 -2.07 19.56 -3.08
N CYS B 161 -2.39 18.66 -2.15
CA CYS B 161 -2.30 17.22 -2.42
C CYS B 161 -3.23 16.42 -1.52
N GLY B 162 -3.92 15.44 -2.10
CA GLY B 162 -4.98 14.71 -1.41
C GLY B 162 -4.53 13.63 -0.45
N ASN B 163 -3.22 13.39 -0.38
CA ASN B 163 -2.64 12.45 0.55
C ASN B 163 -1.18 12.85 0.71
N TYR B 164 -0.98 14.00 1.33
CA TYR B 164 0.31 14.68 1.30
C TYR B 164 1.34 13.96 2.16
N LYS B 165 0.87 13.16 3.11
CA LYS B 165 1.81 12.40 3.95
C LYS B 165 2.43 11.24 3.17
N ASP B 166 1.74 10.76 2.15
CA ASP B 166 2.21 9.57 1.44
C ASP B 166 3.19 9.92 0.30
N HIS B 167 4.32 10.52 0.68
CA HIS B 167 5.37 10.89 -0.27
C HIS B 167 6.69 10.40 0.23
N SER B 168 7.63 10.23 -0.68
CA SER B 168 8.94 9.75 -0.27
C SER B 168 9.95 10.00 -1.38
N LEU B 169 10.74 11.04 -1.22
CA LEU B 169 11.82 11.33 -2.13
C LEU B 169 12.82 10.18 -2.12
N HIS B 170 13.10 9.66 -0.94
CA HIS B 170 14.02 8.51 -0.83
C HIS B 170 13.55 7.37 -1.73
N SER B 171 12.26 7.04 -1.67
CA SER B 171 11.72 5.96 -2.49
C SER B 171 11.78 6.27 -3.98
N ALA B 172 11.39 7.49 -4.37
CA ALA B 172 11.42 7.88 -5.79
C ALA B 172 12.83 7.79 -6.38
N LYS B 173 13.81 8.29 -5.64
CA LYS B 173 15.20 8.26 -6.10
C LYS B 173 15.72 6.84 -6.28
N GLU B 174 15.46 5.98 -5.30
CA GLU B 174 15.93 4.60 -5.36
C GLU B 174 15.24 3.84 -6.48
N TRP B 175 13.95 4.11 -6.69
CA TRP B 175 13.23 3.42 -7.76
C TRP B 175 13.78 3.88 -9.11
N ALA B 176 13.98 5.19 -9.27
CA ALA B 176 14.55 5.75 -10.50
C ALA B 176 15.92 5.16 -10.81
N LYS B 177 16.76 4.98 -9.79
CA LYS B 177 18.07 4.33 -10.01
C LYS B 177 17.92 2.86 -10.41
N LEU B 178 17.04 2.13 -9.75
CA LEU B 178 16.84 0.72 -10.04
C LEU B 178 16.37 0.54 -11.48
N ILE B 179 15.33 1.27 -11.86
CA ILE B 179 14.81 1.30 -13.23
C ILE B 179 15.86 1.66 -14.29
N LEU B 180 16.65 2.69 -14.04
CA LEU B 180 17.68 3.09 -15.00
C LEU B 180 18.76 2.01 -15.14
N SER B 181 19.09 1.34 -14.05
CA SER B 181 20.11 0.27 -14.10
C SER B 181 19.70 -0.89 -15.01
N GLN B 182 18.40 -1.07 -15.24
CA GLN B 182 17.88 -2.15 -16.10
C GLN B 182 17.79 -1.71 -17.57
N GLY B 183 17.63 -0.41 -17.78
CA GLY B 183 17.54 0.13 -19.13
C GLY B 183 16.13 0.24 -19.63
N ILE B 184 15.82 1.34 -20.31
CA ILE B 184 14.49 1.55 -20.86
C ILE B 184 14.45 1.01 -22.30
N SER B 185 13.61 0.02 -22.57
CA SER B 185 13.52 -0.49 -23.94
C SER B 185 12.46 0.26 -24.77
N THR B 186 12.72 0.42 -26.06
CA THR B 186 11.76 1.01 -26.99
C THR B 186 10.78 -0.03 -27.56
N ASP B 187 11.02 -1.31 -27.23
CA ASP B 187 10.14 -2.41 -27.64
C ASP B 187 9.76 -3.24 -26.40
N ALA B 188 8.47 -3.51 -26.24
CA ALA B 188 7.97 -4.31 -25.12
C ALA B 188 8.44 -5.77 -25.10
N PHE B 189 8.74 -6.33 -26.28
CA PHE B 189 8.95 -7.81 -26.38
C PHE B 189 10.39 -8.23 -26.61
N GLU B 190 11.21 -7.28 -27.01
CA GLU B 190 12.61 -7.52 -27.30
C GLU B 190 13.35 -6.37 -26.61
N ARG B 191 14.41 -6.70 -25.86
CA ARG B 191 15.18 -5.66 -25.17
C ARG B 191 15.93 -4.79 -26.16
N LYS B 192 15.46 -3.56 -26.34
CA LYS B 192 16.16 -2.56 -27.15
C LYS B 192 16.45 -1.37 -26.25
N PRO B 193 17.38 -1.55 -25.30
CA PRO B 193 17.54 -0.55 -24.25
C PRO B 193 18.29 0.67 -24.76
N ILE B 194 17.83 1.85 -24.37
CA ILE B 194 18.53 3.08 -24.66
C ILE B 194 19.24 3.55 -23.39
N LEU C 46 21.24 -9.12 10.26
CA LEU C 46 21.07 -9.98 9.09
C LEU C 46 21.47 -9.24 7.82
N ASP C 47 22.31 -9.87 6.99
CA ASP C 47 22.56 -9.33 5.66
C ASP C 47 21.48 -9.82 4.70
N HIS C 48 20.55 -8.92 4.36
CA HIS C 48 19.40 -9.28 3.54
C HIS C 48 19.76 -9.61 2.08
N THR C 49 20.98 -9.26 1.66
CA THR C 49 21.38 -9.51 0.28
C THR C 49 21.87 -10.94 0.03
N ILE C 50 22.11 -11.70 1.09
CA ILE C 50 22.64 -13.08 0.93
C ILE C 50 21.66 -14.18 1.29
N VAL C 51 20.54 -13.83 1.93
CA VAL C 51 19.54 -14.84 2.25
C VAL C 51 18.79 -15.28 1.00
N LYS C 52 18.08 -16.40 1.12
CA LYS C 52 17.32 -16.95 0.01
C LYS C 52 15.97 -17.39 0.53
N ALA C 53 14.94 -16.63 0.19
CA ALA C 53 13.58 -16.83 0.67
C ALA C 53 12.85 -17.74 -0.33
N PRO C 54 11.77 -18.40 0.11
CA PRO C 54 11.19 -18.42 1.47
C PRO C 54 12.01 -19.25 2.43
N TYR C 55 12.21 -18.74 3.65
CA TYR C 55 12.90 -19.49 4.69
C TYR C 55 12.26 -19.29 6.06
N ILE C 56 12.68 -20.12 7.00
CA ILE C 56 12.34 -19.94 8.42
C ILE C 56 13.66 -19.74 9.13
N ARG C 57 13.76 -18.69 9.94
CA ARG C 57 15.03 -18.39 10.61
C ARG C 57 14.78 -18.03 12.08
N LEU C 58 15.44 -18.73 12.99
CA LEU C 58 15.41 -18.33 14.40
C LEU C 58 16.15 -16.99 14.56
N ILE C 59 15.45 -15.97 15.04
CA ILE C 59 16.09 -14.67 15.24
C ILE C 59 16.81 -14.65 16.58
N SER C 60 16.12 -15.08 17.63
CA SER C 60 16.71 -15.06 18.97
C SER C 60 15.92 -15.89 19.96
N GLU C 61 16.59 -16.25 21.04
CA GLU C 61 15.98 -16.90 22.19
C GLU C 61 16.23 -16.02 23.40
N GLU C 62 15.21 -15.82 24.23
CA GLU C 62 15.37 -15.04 25.45
C GLU C 62 14.86 -15.83 26.63
N VAL C 63 15.55 -15.69 27.76
CA VAL C 63 15.16 -16.37 28.99
C VAL C 63 14.53 -15.37 29.96
N GLY C 64 13.33 -15.65 30.45
CA GLY C 64 12.71 -14.78 31.43
C GLY C 64 13.32 -14.98 32.80
N PRO C 65 12.93 -14.11 33.77
CA PRO C 65 13.50 -14.14 35.13
C PRO C 65 13.28 -15.50 35.81
N LYS C 66 12.09 -16.06 35.69
CA LYS C 66 11.81 -17.38 36.26
C LYS C 66 12.29 -18.52 35.34
N GLY C 67 12.89 -18.15 34.21
CA GLY C 67 13.54 -19.14 33.36
C GLY C 67 12.78 -19.62 32.13
N ASP C 68 11.60 -19.04 31.87
CA ASP C 68 10.86 -19.37 30.65
C ASP C 68 11.63 -18.86 29.43
N ILE C 69 11.56 -19.62 28.35
CA ILE C 69 12.21 -19.21 27.11
C ILE C 69 11.18 -18.68 26.10
N ILE C 70 11.52 -17.61 25.41
CA ILE C 70 10.68 -17.09 24.34
C ILE C 70 11.54 -17.05 23.07
N THR C 71 11.09 -17.69 21.99
CA THR C 71 11.83 -17.67 20.74
C THR C 71 11.18 -16.75 19.72
N ASN C 72 12.01 -16.05 18.95
CA ASN C 72 11.53 -15.17 17.90
C ASN C 72 11.96 -15.72 16.56
N PHE C 73 11.01 -15.84 15.64
CA PHE C 73 11.31 -16.33 14.28
C PHE C 73 11.09 -15.31 13.16
N ASP C 74 12.01 -15.35 12.19
CA ASP C 74 11.91 -14.65 10.92
C ASP C 74 11.26 -15.62 9.92
N ILE C 75 9.99 -15.39 9.60
CA ILE C 75 9.30 -16.16 8.57
C ILE C 75 9.34 -15.38 7.28
N ARG C 76 10.34 -15.63 6.44
CA ARG C 76 10.52 -14.83 5.24
C ARG C 76 9.77 -15.47 4.06
N LEU C 77 8.70 -14.82 3.61
CA LEU C 77 7.88 -15.38 2.56
C LEU C 77 8.36 -14.94 1.17
N ILE C 78 9.06 -13.81 1.12
CA ILE C 78 9.42 -13.16 -0.13
C ILE C 78 10.88 -12.73 -0.06
N GLN C 79 11.60 -12.78 -1.18
CA GLN C 79 13.01 -12.37 -1.21
C GLN C 79 13.18 -10.88 -0.92
N PRO C 80 13.96 -10.54 0.12
CA PRO C 80 14.12 -9.13 0.47
C PRO C 80 14.50 -8.24 -0.71
N ASN C 81 13.75 -7.14 -0.87
CA ASN C 81 14.06 -6.11 -1.87
C ASN C 81 13.77 -6.51 -3.33
N GLU C 82 13.17 -7.68 -3.53
CA GLU C 82 12.79 -8.10 -4.88
C GLU C 82 11.29 -7.98 -5.10
N ASN C 83 10.54 -7.91 -4.00
CA ASN C 83 9.08 -7.87 -4.08
C ASN C 83 8.56 -7.58 -2.68
N ALA C 84 7.26 -7.36 -2.56
CA ALA C 84 6.64 -7.09 -1.27
C ALA C 84 5.16 -7.43 -1.39
N MET C 85 4.55 -7.93 -0.31
CA MET C 85 3.17 -8.36 -0.37
C MET C 85 2.25 -7.15 -0.32
N ASP C 86 1.19 -7.11 -1.15
CA ASP C 86 0.24 -6.00 -1.05
C ASP C 86 -0.44 -6.02 0.34
N THR C 87 -0.95 -4.87 0.79
CA THR C 87 -1.51 -4.80 2.15
C THR C 87 -2.71 -5.70 2.37
N ALA C 88 -3.56 -5.83 1.35
CA ALA C 88 -4.78 -6.62 1.47
C ALA C 88 -4.52 -8.11 1.70
N GLY C 89 -3.63 -8.68 0.89
CA GLY C 89 -3.27 -10.08 1.05
C GLY C 89 -2.45 -10.32 2.30
N LEU C 90 -1.53 -9.40 2.60
CA LEU C 90 -0.77 -9.49 3.86
C LEU C 90 -1.68 -9.47 5.08
N HIS C 91 -2.70 -8.64 5.02
CA HIS C 91 -3.63 -8.49 6.12
C HIS C 91 -4.48 -9.75 6.28
N THR C 92 -5.00 -10.27 5.16
CA THR C 92 -5.80 -11.50 5.21
C THR C 92 -4.94 -12.69 5.64
N ILE C 93 -3.71 -12.76 5.16
CA ILE C 93 -2.80 -13.85 5.57
C ILE C 93 -2.49 -13.76 7.08
N GLU C 94 -2.42 -12.55 7.62
CA GLU C 94 -2.17 -12.38 9.06
C GLU C 94 -3.32 -12.96 9.90
N HIS C 95 -4.55 -12.60 9.56
CA HIS C 95 -5.72 -13.18 10.21
C HIS C 95 -5.76 -14.71 10.11
N LEU C 96 -5.47 -15.25 8.92
CA LEU C 96 -5.53 -16.69 8.72
C LEU C 96 -4.43 -17.41 9.47
N LEU C 97 -3.22 -16.87 9.42
CA LEU C 97 -2.07 -17.51 10.07
C LEU C 97 -2.28 -17.55 11.59
N ALA C 98 -2.84 -16.48 12.14
CA ALA C 98 -3.16 -16.46 13.57
C ALA C 98 -3.98 -17.70 13.93
N LYS C 99 -4.97 -18.02 13.10
CA LYS C 99 -5.83 -19.17 13.34
C LYS C 99 -5.13 -20.50 13.06
N LEU C 100 -4.56 -20.63 11.85
CA LEU C 100 -4.03 -21.89 11.37
C LEU C 100 -2.83 -22.39 12.16
N ILE C 101 -1.90 -21.50 12.47
CA ILE C 101 -0.74 -21.91 13.26
C ILE C 101 -1.17 -22.53 14.61
N ARG C 102 -2.10 -21.88 15.31
CA ARG C 102 -2.59 -22.35 16.61
C ARG C 102 -3.30 -23.70 16.53
N GLN C 103 -3.77 -24.07 15.34
CA GLN C 103 -4.39 -25.39 15.14
C GLN C 103 -3.33 -26.46 15.04
N ARG C 104 -2.08 -26.03 14.85
CA ARG C 104 -1.00 -26.95 14.48
C ARG C 104 0.10 -27.05 15.51
N ILE C 105 0.18 -26.05 16.38
CA ILE C 105 1.25 -25.98 17.36
C ILE C 105 0.83 -25.15 18.57
N ASP C 106 1.38 -25.51 19.73
CA ASP C 106 1.14 -24.79 20.98
C ASP C 106 2.23 -23.74 21.22
N GLY C 107 1.90 -22.71 21.99
CA GLY C 107 2.92 -21.79 22.48
C GLY C 107 3.09 -20.51 21.68
N LEU C 108 2.26 -20.33 20.65
CA LEU C 108 2.30 -19.11 19.85
C LEU C 108 1.86 -17.89 20.67
N ILE C 109 2.75 -16.92 20.79
CA ILE C 109 2.43 -15.70 21.50
C ILE C 109 1.87 -14.69 20.52
N ASP C 110 2.55 -14.52 19.39
CA ASP C 110 2.11 -13.56 18.39
C ASP C 110 2.67 -13.91 17.02
N CYS C 111 1.94 -13.50 15.98
CA CYS C 111 2.41 -13.66 14.62
C CYS C 111 2.03 -12.40 13.85
N SER C 112 2.91 -11.42 13.82
CA SER C 112 2.61 -10.12 13.23
C SER C 112 3.48 -9.91 11.99
N PRO C 113 2.97 -9.14 11.01
CA PRO C 113 3.76 -8.96 9.78
C PRO C 113 4.93 -8.02 9.96
N PHE C 114 5.94 -8.14 9.09
CA PHE C 114 7.03 -7.17 9.05
C PHE C 114 6.53 -5.88 8.40
N GLY C 115 7.06 -4.74 8.84
CA GLY C 115 6.76 -3.48 8.20
C GLY C 115 7.25 -3.45 6.76
N CYS C 116 8.20 -4.34 6.45
CA CYS C 116 8.80 -4.36 5.12
C CYS C 116 7.97 -5.24 4.17
N ARG C 117 6.99 -5.93 4.75
CA ARG C 117 6.00 -6.70 4.00
C ARG C 117 6.55 -7.91 3.22
N THR C 118 7.70 -8.44 3.65
CA THR C 118 8.26 -9.65 3.04
C THR C 118 8.08 -10.86 3.92
N GLY C 119 7.40 -10.69 5.05
CA GLY C 119 7.13 -11.83 5.91
C GLY C 119 6.49 -11.52 7.25
N PHE C 120 6.67 -12.46 8.19
CA PHE C 120 6.02 -12.42 9.48
C PHE C 120 6.99 -12.68 10.61
N HIS C 121 6.75 -12.02 11.72
CA HIS C 121 7.53 -12.20 12.94
C HIS C 121 6.73 -13.14 13.82
N MET C 122 7.32 -14.28 14.19
CA MET C 122 6.63 -15.30 14.99
C MET C 122 7.26 -15.41 16.39
N ILE C 123 6.48 -15.14 17.42
CA ILE C 123 6.98 -15.23 18.78
C ILE C 123 6.29 -16.39 19.51
N MET C 124 7.11 -17.24 20.13
CA MET C 124 6.63 -18.46 20.78
C MET C 124 7.24 -18.73 22.17
N TRP C 125 6.45 -19.38 23.02
CA TRP C 125 6.96 -19.94 24.26
C TRP C 125 7.84 -21.14 23.94
N GLY C 126 8.96 -21.29 24.65
CA GLY C 126 9.82 -22.45 24.49
C GLY C 126 10.75 -22.42 23.29
N LYS C 127 11.85 -23.17 23.38
CA LYS C 127 12.70 -23.42 22.21
C LYS C 127 11.87 -24.19 21.19
N GLN C 128 12.16 -24.02 19.91
CA GLN C 128 11.27 -24.59 18.90
C GLN C 128 11.92 -25.36 17.76
N ASP C 129 12.99 -24.84 17.20
CA ASP C 129 13.66 -25.44 16.02
C ASP C 129 12.88 -25.31 14.69
N SER C 130 13.60 -24.88 13.66
CA SER C 130 13.00 -24.38 12.43
C SER C 130 12.33 -25.42 11.53
N GLU C 131 12.72 -26.70 11.63
CA GLU C 131 12.06 -27.74 10.84
C GLU C 131 10.60 -27.95 11.25
N LYS C 132 10.31 -27.88 12.54
CA LYS C 132 8.92 -28.00 12.98
C LYS C 132 8.15 -26.76 12.56
N ILE C 133 8.76 -25.60 12.78
CA ILE C 133 8.16 -24.34 12.35
C ILE C 133 7.96 -24.33 10.83
N ALA C 134 8.97 -24.75 10.08
CA ALA C 134 8.85 -24.83 8.62
C ALA C 134 7.61 -25.61 8.21
N GLN C 135 7.38 -26.75 8.85
CA GLN C 135 6.23 -27.61 8.53
C GLN C 135 4.90 -27.01 8.93
N VAL C 136 4.87 -26.34 10.07
CA VAL C 136 3.68 -25.58 10.47
C VAL C 136 3.31 -24.52 9.42
N ILE C 137 4.31 -23.75 8.97
CA ILE C 137 4.08 -22.68 8.00
C ILE C 137 3.67 -23.27 6.65
N LYS C 138 4.44 -24.25 6.16
CA LYS C 138 4.10 -24.94 4.93
C LYS C 138 2.65 -25.46 4.94
N SER C 139 2.32 -26.26 5.94
CA SER C 139 0.98 -26.82 6.09
C SER C 139 -0.11 -25.73 6.14
N SER C 140 0.16 -24.66 6.89
CA SER C 140 -0.79 -23.54 6.95
C SER C 140 -0.94 -22.87 5.57
N LEU C 141 0.18 -22.62 4.89
CA LEU C 141 0.13 -22.02 3.55
C LEU C 141 -0.66 -22.88 2.56
N GLU C 142 -0.50 -24.20 2.67
CA GLU C 142 -1.21 -25.15 1.80
C GLU C 142 -2.72 -25.09 2.04
N GLU C 143 -3.11 -24.86 3.30
CA GLU C 143 -4.51 -24.70 3.65
C GLU C 143 -5.07 -23.40 3.08
N ILE C 144 -4.27 -22.33 3.13
CA ILE C 144 -4.69 -21.06 2.55
C ILE C 144 -4.81 -21.18 1.01
N ALA C 145 -3.84 -21.82 0.39
CA ALA C 145 -3.84 -22.00 -1.06
C ALA C 145 -5.05 -22.79 -1.55
N GLU C 146 -5.41 -23.82 -0.80
CA GLU C 146 -6.47 -24.75 -1.22
C GLU C 146 -7.22 -25.30 -0.03
N GLY C 147 -8.31 -24.66 0.35
CA GLY C 147 -9.06 -25.10 1.52
C GLY C 147 -9.87 -23.98 2.13
N ILE C 148 -9.20 -22.86 2.42
CA ILE C 148 -9.86 -21.70 3.00
C ILE C 148 -10.85 -21.06 2.01
N THR C 149 -12.06 -20.81 2.49
CA THR C 149 -13.05 -20.02 1.77
C THR C 149 -13.27 -18.74 2.58
N TRP C 150 -14.07 -17.82 2.05
CA TRP C 150 -14.22 -16.50 2.66
C TRP C 150 -14.69 -16.57 4.11
N GLU C 151 -15.50 -17.58 4.41
CA GLU C 151 -16.15 -17.74 5.71
C GLU C 151 -15.20 -18.31 6.76
N ASP C 152 -14.03 -18.75 6.31
CA ASP C 152 -13.00 -19.26 7.21
C ASP C 152 -12.05 -18.13 7.64
N VAL C 153 -12.18 -16.97 7.01
CA VAL C 153 -11.37 -15.81 7.37
C VAL C 153 -12.03 -15.08 8.55
N PRO C 154 -11.40 -15.16 9.73
CA PRO C 154 -11.97 -14.50 10.93
C PRO C 154 -11.76 -12.99 10.85
N GLY C 155 -12.62 -12.24 11.54
CA GLY C 155 -12.43 -10.81 11.71
C GLY C 155 -12.47 -9.96 10.46
N THR C 156 -13.49 -10.13 9.62
CA THR C 156 -13.58 -9.32 8.40
C THR C 156 -14.76 -8.34 8.44
N THR C 157 -15.17 -7.94 9.65
CA THR C 157 -16.27 -6.99 9.82
C THR C 157 -15.75 -5.72 10.50
N ILE C 158 -16.54 -4.64 10.41
CA ILE C 158 -16.14 -3.34 10.93
C ILE C 158 -15.99 -3.35 12.45
N GLU C 159 -16.57 -4.34 13.11
CA GLU C 159 -16.47 -4.46 14.56
C GLU C 159 -15.23 -5.24 14.97
N SER C 160 -14.84 -6.22 14.17
CA SER C 160 -13.78 -7.13 14.61
C SER C 160 -12.40 -6.84 13.99
N CYS C 161 -12.29 -5.76 13.22
CA CYS C 161 -11.04 -5.46 12.53
C CYS C 161 -10.89 -3.98 12.21
N GLY C 162 -9.70 -3.43 12.45
CA GLY C 162 -9.47 -2.00 12.32
C GLY C 162 -9.31 -1.45 10.91
N ASN C 163 -9.31 -2.33 9.92
CA ASN C 163 -9.32 -1.93 8.51
C ASN C 163 -9.95 -3.06 7.73
N TYR C 164 -11.26 -3.27 7.94
CA TYR C 164 -11.91 -4.47 7.44
C TYR C 164 -12.10 -4.45 5.94
N LYS C 165 -12.00 -3.28 5.32
CA LYS C 165 -12.10 -3.22 3.85
C LYS C 165 -10.86 -3.76 3.18
N ASP C 166 -9.71 -3.61 3.84
CA ASP C 166 -8.43 -4.04 3.25
C ASP C 166 -8.16 -5.52 3.50
N HIS C 167 -9.00 -6.36 2.91
CA HIS C 167 -8.82 -7.81 2.93
C HIS C 167 -8.97 -8.35 1.52
N SER C 168 -8.35 -9.49 1.25
CA SER C 168 -8.51 -10.16 -0.05
C SER C 168 -8.13 -11.62 0.06
N LEU C 169 -9.13 -12.47 -0.01
CA LEU C 169 -8.89 -13.89 -0.04
C LEU C 169 -8.19 -14.22 -1.36
N HIS C 170 -8.56 -13.51 -2.41
CA HIS C 170 -7.95 -13.76 -3.71
C HIS C 170 -6.44 -13.56 -3.64
N SER C 171 -6.03 -12.48 -2.98
CA SER C 171 -4.62 -12.16 -2.88
C SER C 171 -3.91 -13.18 -1.99
N ALA C 172 -4.55 -13.55 -0.89
CA ALA C 172 -3.96 -14.51 0.04
C ALA C 172 -3.73 -15.88 -0.62
N LYS C 173 -4.72 -16.37 -1.38
CA LYS C 173 -4.57 -17.67 -2.05
C LYS C 173 -3.45 -17.69 -3.11
N GLU C 174 -3.41 -16.68 -3.96
CA GLU C 174 -2.36 -16.59 -4.99
C GLU C 174 -0.96 -16.35 -4.40
N TRP C 175 -0.86 -15.58 -3.32
CA TRP C 175 0.44 -15.43 -2.64
C TRP C 175 0.89 -16.76 -2.04
N ALA C 176 0.01 -17.41 -1.28
CA ALA C 176 0.31 -18.72 -0.68
C ALA C 176 0.80 -19.72 -1.74
N LYS C 177 0.13 -19.77 -2.88
CA LYS C 177 0.57 -20.66 -3.97
C LYS C 177 1.95 -20.28 -4.51
N LEU C 178 2.16 -18.97 -4.71
CA LEU C 178 3.45 -18.51 -5.21
C LEU C 178 4.57 -18.88 -4.23
N ILE C 179 4.35 -18.62 -2.95
CA ILE C 179 5.34 -18.92 -1.91
C ILE C 179 5.65 -20.42 -1.85
N LEU C 180 4.62 -21.26 -1.86
CA LEU C 180 4.77 -22.71 -1.79
C LEU C 180 5.49 -23.29 -3.00
N SER C 181 5.30 -22.66 -4.16
CA SER C 181 5.94 -23.15 -5.39
C SER C 181 7.45 -22.97 -5.33
N GLN C 182 7.94 -22.13 -4.41
CA GLN C 182 9.39 -21.91 -4.31
C GLN C 182 10.03 -22.81 -3.26
N GLY C 183 9.22 -23.41 -2.40
CA GLY C 183 9.72 -24.27 -1.34
C GLY C 183 10.01 -23.45 -0.09
N ILE C 184 9.72 -24.01 1.07
CA ILE C 184 10.03 -23.38 2.35
C ILE C 184 11.31 -23.99 2.88
N SER C 185 12.36 -23.18 3.03
CA SER C 185 13.65 -23.69 3.51
C SER C 185 13.81 -23.56 5.03
N THR C 186 14.39 -24.57 5.63
CA THR C 186 14.64 -24.57 7.06
C THR C 186 15.90 -23.77 7.39
N ASP C 187 16.62 -23.35 6.35
CA ASP C 187 17.83 -22.53 6.49
C ASP C 187 17.74 -21.29 5.59
N ALA C 188 18.23 -20.15 6.08
CA ALA C 188 18.09 -18.87 5.37
C ALA C 188 19.16 -18.59 4.31
N PHE C 189 20.31 -19.25 4.42
CA PHE C 189 21.43 -18.95 3.53
C PHE C 189 21.64 -19.99 2.43
N GLU C 190 21.05 -21.17 2.62
CA GLU C 190 21.17 -22.24 1.64
C GLU C 190 19.79 -22.86 1.47
N ARG C 191 19.48 -23.30 0.25
CA ARG C 191 18.16 -23.89 0.06
C ARG C 191 18.12 -25.28 0.72
N LYS C 192 17.24 -25.44 1.71
CA LYS C 192 16.97 -26.73 2.34
C LYS C 192 15.46 -26.90 2.49
N PRO C 193 14.76 -27.08 1.36
CA PRO C 193 13.28 -27.07 1.32
C PRO C 193 12.64 -28.15 2.19
N ILE C 194 11.40 -27.91 2.62
CA ILE C 194 10.56 -28.79 3.46
C ILE C 194 10.68 -28.57 4.96
N LEU D 46 -12.59 -7.45 20.83
CA LEU D 46 -12.67 -5.99 20.92
C LEU D 46 -13.61 -5.44 19.86
N ASP D 47 -14.53 -4.58 20.28
CA ASP D 47 -15.45 -3.90 19.37
C ASP D 47 -14.74 -2.66 18.84
N HIS D 48 -14.27 -2.71 17.60
CA HIS D 48 -13.49 -1.61 17.06
C HIS D 48 -14.33 -0.36 16.80
N THR D 49 -15.66 -0.47 16.93
CA THR D 49 -16.53 0.68 16.70
C THR D 49 -16.70 1.60 17.93
N ILE D 50 -16.37 1.11 19.12
CA ILE D 50 -16.57 1.92 20.34
C ILE D 50 -15.29 2.52 20.92
N VAL D 51 -14.12 2.14 20.38
CA VAL D 51 -12.86 2.69 20.87
C VAL D 51 -12.66 4.14 20.39
N LYS D 52 -11.76 4.85 21.06
CA LYS D 52 -11.42 6.20 20.62
C LYS D 52 -9.91 6.33 20.57
N ALA D 53 -9.37 6.50 19.37
CA ALA D 53 -7.93 6.53 19.18
C ALA D 53 -7.43 7.96 19.10
N PRO D 54 -6.13 8.20 19.36
CA PRO D 54 -5.04 7.28 19.74
C PRO D 54 -5.12 6.81 21.19
N TYR D 55 -4.84 5.52 21.41
CA TYR D 55 -4.85 4.97 22.75
C TYR D 55 -3.78 3.90 22.95
N ILE D 56 -3.52 3.59 24.22
CA ILE D 56 -2.70 2.44 24.62
C ILE D 56 -3.60 1.55 25.46
N ARG D 57 -3.71 0.29 25.05
CA ARG D 57 -4.61 -0.65 25.71
C ARG D 57 -3.90 -1.97 25.99
N LEU D 58 -3.87 -2.37 27.25
CA LEU D 58 -3.36 -3.70 27.61
C LEU D 58 -4.28 -4.77 27.02
N ILE D 59 -3.75 -5.61 26.14
CA ILE D 59 -4.55 -6.72 25.60
C ILE D 59 -4.65 -7.88 26.60
N SER D 60 -3.49 -8.38 27.03
CA SER D 60 -3.44 -9.57 27.87
C SER D 60 -2.15 -9.63 28.66
N GLU D 61 -2.19 -10.35 29.77
CA GLU D 61 -0.97 -10.77 30.44
C GLU D 61 -0.90 -12.27 30.24
N GLU D 62 0.28 -12.81 29.94
CA GLU D 62 0.43 -14.25 29.75
C GLU D 62 1.48 -14.79 30.70
N VAL D 63 1.16 -15.93 31.30
CA VAL D 63 2.07 -16.62 32.20
C VAL D 63 2.62 -17.85 31.47
N GLY D 64 3.94 -17.97 31.38
CA GLY D 64 4.55 -19.15 30.81
C GLY D 64 4.62 -20.29 31.81
N PRO D 65 5.08 -21.48 31.36
CA PRO D 65 5.16 -22.70 32.16
C PRO D 65 5.88 -22.51 33.49
N LYS D 66 6.98 -21.76 33.49
CA LYS D 66 7.71 -21.47 34.72
C LYS D 66 7.23 -20.21 35.45
N GLY D 67 6.04 -19.72 35.09
CA GLY D 67 5.47 -18.56 35.77
C GLY D 67 5.86 -17.16 35.29
N ASP D 68 6.65 -17.08 34.21
CA ASP D 68 7.07 -15.78 33.69
C ASP D 68 5.92 -15.01 33.03
N ILE D 69 5.86 -13.73 33.34
CA ILE D 69 4.77 -12.89 32.87
C ILE D 69 5.18 -12.12 31.62
N ILE D 70 4.28 -12.12 30.64
CA ILE D 70 4.42 -11.34 29.42
C ILE D 70 3.21 -10.44 29.31
N THR D 71 3.38 -9.22 28.77
CA THR D 71 2.25 -8.34 28.51
C THR D 71 2.18 -7.92 27.03
N ASN D 72 0.98 -7.95 26.47
CA ASN D 72 0.75 -7.57 25.08
C ASN D 72 -0.09 -6.30 25.04
N PHE D 73 0.37 -5.31 24.27
CA PHE D 73 -0.32 -4.01 24.22
C PHE D 73 -0.82 -3.67 22.82
N ASP D 74 -2.07 -3.22 22.73
CA ASP D 74 -2.64 -2.62 21.53
C ASP D 74 -2.22 -1.13 21.53
N ILE D 75 -1.24 -0.77 20.69
CA ILE D 75 -0.84 0.62 20.53
C ILE D 75 -1.62 1.23 19.36
N ARG D 76 -2.79 1.82 19.63
CA ARG D 76 -3.67 2.26 18.54
C ARG D 76 -3.43 3.71 18.16
N LEU D 77 -2.79 3.93 17.02
CA LEU D 77 -2.43 5.27 16.60
C LEU D 77 -3.53 5.96 15.77
N ILE D 78 -4.41 5.17 15.16
CA ILE D 78 -5.44 5.71 14.25
C ILE D 78 -6.81 5.11 14.56
N GLN D 79 -7.87 5.90 14.42
CA GLN D 79 -9.23 5.40 14.63
C GLN D 79 -9.54 4.26 13.68
N PRO D 80 -9.91 3.09 14.22
CA PRO D 80 -10.20 1.95 13.34
C PRO D 80 -11.23 2.28 12.27
N ASN D 81 -10.96 1.82 11.05
CA ASN D 81 -11.82 1.99 9.88
C ASN D 81 -12.08 3.41 9.37
N GLU D 82 -11.41 4.41 9.95
CA GLU D 82 -11.52 5.78 9.43
C GLU D 82 -10.33 6.17 8.58
N ASN D 83 -9.20 5.53 8.81
CA ASN D 83 -7.98 5.90 8.13
C ASN D 83 -7.01 4.75 8.29
N ALA D 84 -5.83 4.88 7.71
CA ALA D 84 -4.84 3.83 7.76
C ALA D 84 -3.53 4.45 7.36
N MET D 85 -2.45 4.00 7.97
CA MET D 85 -1.14 4.54 7.67
C MET D 85 -0.62 3.98 6.35
N ASP D 86 -0.06 4.84 5.50
CA ASP D 86 0.59 4.36 4.27
C ASP D 86 1.78 3.47 4.65
N THR D 87 2.14 2.52 3.78
CA THR D 87 3.19 1.56 4.15
C THR D 87 4.54 2.20 4.44
N ALA D 88 4.89 3.25 3.69
CA ALA D 88 6.21 3.87 3.86
C ALA D 88 6.42 4.47 5.25
N GLY D 89 5.44 5.23 5.73
CA GLY D 89 5.57 5.88 7.04
C GLY D 89 5.42 4.88 8.18
N LEU D 90 4.53 3.90 7.97
CA LEU D 90 4.37 2.82 8.94
C LEU D 90 5.69 2.07 9.12
N HIS D 91 6.38 1.84 8.00
CA HIS D 91 7.65 1.11 8.00
C HIS D 91 8.76 1.90 8.70
N THR D 92 8.87 3.19 8.39
CA THR D 92 9.86 4.04 9.05
C THR D 92 9.55 4.19 10.54
N ILE D 93 8.28 4.36 10.89
CA ILE D 93 7.90 4.44 12.30
C ILE D 93 8.26 3.14 13.03
N GLU D 94 7.99 1.99 12.39
CA GLU D 94 8.36 0.70 12.98
C GLU D 94 9.84 0.65 13.33
N HIS D 95 10.68 1.14 12.43
CA HIS D 95 12.12 1.13 12.71
C HIS D 95 12.52 2.04 13.85
N LEU D 96 11.94 3.24 13.88
CA LEU D 96 12.30 4.25 14.85
C LEU D 96 11.81 3.88 16.24
N LEU D 97 10.57 3.41 16.32
CA LEU D 97 10.01 2.90 17.57
C LEU D 97 10.88 1.80 18.21
N ALA D 98 11.26 0.80 17.42
CA ALA D 98 12.14 -0.26 17.92
C ALA D 98 13.35 0.33 18.66
N LYS D 99 13.93 1.38 18.10
CA LYS D 99 15.06 2.04 18.73
C LYS D 99 14.63 2.95 19.90
N LEU D 100 13.64 3.80 19.68
CA LEU D 100 13.25 4.78 20.69
C LEU D 100 12.65 4.16 21.93
N ILE D 101 11.85 3.12 21.75
CA ILE D 101 11.25 2.47 22.91
C ILE D 101 12.33 1.84 23.79
N ARG D 102 13.30 1.17 23.17
CA ARG D 102 14.39 0.51 23.90
C ARG D 102 15.27 1.49 24.67
N GLN D 103 15.27 2.75 24.25
CA GLN D 103 16.05 3.78 24.91
C GLN D 103 15.35 4.25 26.18
N ARG D 104 14.06 3.92 26.31
CA ARG D 104 13.20 4.51 27.35
C ARG D 104 12.68 3.49 28.35
N ILE D 105 12.71 2.22 27.97
CA ILE D 105 12.22 1.17 28.85
C ILE D 105 12.88 -0.16 28.51
N ASP D 106 12.95 -1.05 29.50
CA ASP D 106 13.56 -2.36 29.31
C ASP D 106 12.51 -3.46 29.12
N GLY D 107 12.93 -4.59 28.59
CA GLY D 107 12.05 -5.73 28.47
C GLY D 107 11.17 -5.74 27.24
N LEU D 108 11.45 -4.88 26.27
CA LEU D 108 10.72 -4.95 25.00
C LEU D 108 11.07 -6.24 24.26
N ILE D 109 10.07 -7.08 23.99
CA ILE D 109 10.28 -8.26 23.17
C ILE D 109 10.06 -7.96 21.70
N ASP D 110 8.94 -7.32 21.38
CA ASP D 110 8.69 -6.92 19.99
C ASP D 110 7.68 -5.80 19.88
N CYS D 111 7.80 -5.01 18.81
CA CYS D 111 6.83 -3.98 18.50
C CYS D 111 6.63 -4.05 16.98
N SER D 112 5.58 -4.74 16.56
CA SER D 112 5.32 -4.93 15.14
C SER D 112 4.03 -4.22 14.75
N PRO D 113 3.96 -3.71 13.52
CA PRO D 113 2.75 -3.04 13.06
C PRO D 113 1.60 -4.01 12.89
N PHE D 114 0.38 -3.53 13.12
CA PHE D 114 -0.82 -4.29 12.82
C PHE D 114 -0.96 -4.43 11.32
N GLY D 115 -1.50 -5.57 10.87
CA GLY D 115 -1.79 -5.75 9.46
C GLY D 115 -2.84 -4.78 8.98
N CYS D 116 -3.67 -4.28 9.91
CA CYS D 116 -4.67 -3.28 9.56
C CYS D 116 -4.09 -1.86 9.45
N ARG D 117 -2.82 -1.69 9.84
CA ARG D 117 -2.12 -0.41 9.64
C ARG D 117 -2.64 0.78 10.45
N THR D 118 -3.33 0.50 11.56
CA THR D 118 -3.85 1.53 12.43
C THR D 118 -3.10 1.57 13.75
N GLY D 119 -2.04 0.76 13.86
CA GLY D 119 -1.21 0.82 15.04
C GLY D 119 -0.19 -0.31 15.14
N PHE D 120 0.25 -0.57 16.37
CA PHE D 120 1.31 -1.53 16.64
C PHE D 120 0.96 -2.48 17.77
N HIS D 121 1.38 -3.72 17.61
CA HIS D 121 1.28 -4.70 18.67
C HIS D 121 2.61 -4.73 19.41
N MET D 122 2.58 -4.44 20.70
CA MET D 122 3.80 -4.34 21.50
C MET D 122 3.82 -5.45 22.54
N ILE D 123 4.96 -6.13 22.68
CA ILE D 123 5.07 -7.25 23.62
C ILE D 123 6.22 -7.03 24.59
N MET D 124 5.96 -7.16 25.88
CA MET D 124 6.99 -6.90 26.87
C MET D 124 7.08 -7.97 27.95
N TRP D 125 8.29 -8.16 28.49
CA TRP D 125 8.49 -8.93 29.73
C TRP D 125 7.83 -8.23 30.90
N GLY D 126 7.24 -9.00 31.82
CA GLY D 126 6.73 -8.45 33.07
C GLY D 126 5.43 -7.68 32.97
N LYS D 127 4.77 -7.46 34.11
CA LYS D 127 3.59 -6.61 34.14
C LYS D 127 4.00 -5.18 33.83
N GLN D 128 3.14 -4.43 33.16
CA GLN D 128 3.58 -3.12 32.63
C GLN D 128 2.62 -1.95 32.82
N ASP D 129 1.31 -2.20 32.73
CA ASP D 129 0.26 -1.17 32.81
C ASP D 129 0.32 -0.01 31.78
N SER D 130 -0.85 0.34 31.25
CA SER D 130 -0.96 1.21 30.09
C SER D 130 -0.47 2.65 30.29
N GLU D 131 -0.31 3.07 31.54
CA GLU D 131 0.04 4.44 31.90
C GLU D 131 1.48 4.78 31.55
N LYS D 132 2.39 3.87 31.91
CA LYS D 132 3.81 4.07 31.66
C LYS D 132 4.13 3.81 30.18
N ILE D 133 3.46 2.84 29.58
CA ILE D 133 3.56 2.61 28.14
C ILE D 133 3.11 3.84 27.33
N ALA D 134 2.01 4.46 27.74
CA ALA D 134 1.50 5.64 27.04
C ALA D 134 2.55 6.73 27.06
N GLN D 135 3.18 6.94 28.21
CA GLN D 135 4.25 7.93 28.33
C GLN D 135 5.43 7.62 27.41
N VAL D 136 5.85 6.36 27.39
CA VAL D 136 6.96 5.95 26.54
C VAL D 136 6.62 6.20 25.07
N ILE D 137 5.40 5.83 24.69
CA ILE D 137 4.94 6.03 23.31
C ILE D 137 4.86 7.51 22.97
N LYS D 138 4.23 8.29 23.85
CA LYS D 138 4.11 9.72 23.60
C LYS D 138 5.49 10.36 23.46
N SER D 139 6.41 10.00 24.34
CA SER D 139 7.76 10.56 24.29
C SER D 139 8.52 10.17 22.99
N SER D 140 8.39 8.91 22.58
CA SER D 140 8.97 8.49 21.31
C SER D 140 8.36 9.25 20.13
N LEU D 141 7.04 9.38 20.10
CA LEU D 141 6.40 10.06 18.98
C LEU D 141 6.84 11.51 18.91
N GLU D 142 7.07 12.12 20.07
CA GLU D 142 7.47 13.52 20.11
C GLU D 142 8.86 13.71 19.51
N GLU D 143 9.73 12.72 19.74
CA GLU D 143 11.08 12.76 19.18
C GLU D 143 11.07 12.51 17.68
N ILE D 144 10.16 11.65 17.23
CA ILE D 144 10.03 11.43 15.78
C ILE D 144 9.54 12.72 15.16
N ALA D 145 8.53 13.31 15.80
CA ALA D 145 7.90 14.52 15.29
C ALA D 145 8.88 15.68 15.16
N GLU D 146 9.77 15.83 16.13
CA GLU D 146 10.69 16.97 16.08
C GLU D 146 12.17 16.61 15.88
N GLY D 147 12.72 15.81 16.79
CA GLY D 147 14.16 15.54 16.80
C GLY D 147 14.78 14.78 15.63
N ILE D 148 14.14 13.71 15.20
CA ILE D 148 14.74 12.72 14.31
C ILE D 148 15.04 13.23 12.88
N THR D 149 16.25 12.92 12.39
CA THR D 149 16.63 13.15 10.99
C THR D 149 16.88 11.82 10.30
N TRP D 150 17.23 11.87 9.01
CA TRP D 150 17.40 10.67 8.20
C TRP D 150 18.48 9.69 8.69
N GLU D 151 19.52 10.20 9.32
CA GLU D 151 20.64 9.36 9.77
C GLU D 151 20.32 8.69 11.10
N ASP D 152 19.21 9.11 11.71
CA ASP D 152 18.71 8.52 12.95
C ASP D 152 17.82 7.31 12.68
N VAL D 153 17.45 7.12 11.41
CA VAL D 153 16.63 5.96 11.05
C VAL D 153 17.54 4.77 10.78
N PRO D 154 17.44 3.74 11.63
CA PRO D 154 18.29 2.57 11.41
C PRO D 154 17.71 1.65 10.35
N GLY D 155 18.57 0.90 9.67
CA GLY D 155 18.14 -0.08 8.70
C GLY D 155 17.41 0.48 7.50
N THR D 156 18.04 1.42 6.80
CA THR D 156 17.47 1.94 5.55
C THR D 156 18.32 1.62 4.33
N THR D 157 19.13 0.56 4.40
CA THR D 157 19.96 0.16 3.28
C THR D 157 19.55 -1.22 2.78
N ILE D 158 19.97 -1.56 1.56
CA ILE D 158 19.57 -2.81 0.94
C ILE D 158 20.08 -4.04 1.71
N GLU D 159 21.15 -3.86 2.47
CA GLU D 159 21.69 -4.94 3.30
C GLU D 159 20.95 -5.10 4.63
N SER D 160 20.45 -3.99 5.17
CA SER D 160 19.92 -4.05 6.53
C SER D 160 18.39 -4.12 6.59
N CYS D 161 17.74 -4.12 5.44
CA CYS D 161 16.29 -4.03 5.42
C CYS D 161 15.63 -4.78 4.26
N GLY D 162 14.53 -5.46 4.56
CA GLY D 162 13.84 -6.27 3.58
C GLY D 162 13.05 -5.54 2.51
N ASN D 163 12.84 -4.24 2.69
CA ASN D 163 12.20 -3.40 1.67
C ASN D 163 12.67 -1.97 1.85
N TYR D 164 13.97 -1.75 1.59
CA TYR D 164 14.63 -0.51 1.99
C TYR D 164 14.15 0.72 1.23
N LYS D 165 13.57 0.52 0.05
CA LYS D 165 13.02 1.63 -0.72
C LYS D 165 11.75 2.20 -0.07
N ASP D 166 10.97 1.35 0.58
CA ASP D 166 9.68 1.76 1.13
C ASP D 166 9.84 2.46 2.50
N HIS D 167 10.63 3.52 2.55
CA HIS D 167 10.74 4.33 3.76
C HIS D 167 10.37 5.76 3.45
N SER D 168 9.92 6.48 4.47
CA SER D 168 9.64 7.92 4.34
C SER D 168 9.74 8.60 5.68
N LEU D 169 10.77 9.43 5.84
CA LEU D 169 10.88 10.23 7.04
C LEU D 169 9.81 11.32 7.01
N HIS D 170 9.54 11.87 5.84
CA HIS D 170 8.49 12.88 5.70
C HIS D 170 7.16 12.33 6.25
N SER D 171 6.81 11.12 5.82
CA SER D 171 5.54 10.51 6.26
C SER D 171 5.51 10.25 7.76
N ALA D 172 6.56 9.61 8.27
CA ALA D 172 6.71 9.35 9.70
C ALA D 172 6.56 10.62 10.59
N LYS D 173 7.26 11.68 10.22
CA LYS D 173 7.16 12.96 10.95
C LYS D 173 5.75 13.52 10.95
N GLU D 174 5.11 13.50 9.78
CA GLU D 174 3.79 14.10 9.65
C GLU D 174 2.76 13.28 10.39
N TRP D 175 2.89 11.95 10.35
CA TRP D 175 1.99 11.07 11.09
C TRP D 175 2.18 11.25 12.58
N ALA D 176 3.44 11.27 13.01
CA ALA D 176 3.77 11.56 14.41
C ALA D 176 3.05 12.81 14.93
N LYS D 177 3.08 13.90 14.18
CA LYS D 177 2.49 15.13 14.68
C LYS D 177 0.98 15.04 14.67
N LEU D 178 0.43 14.39 13.65
CA LEU D 178 -1.02 14.23 13.58
C LEU D 178 -1.52 13.44 14.79
N ILE D 179 -0.86 12.33 15.09
CA ILE D 179 -1.20 11.52 16.26
C ILE D 179 -1.07 12.32 17.57
N LEU D 180 0.09 12.94 17.81
CA LEU D 180 0.29 13.83 18.97
C LEU D 180 -0.80 14.90 19.15
N SER D 181 -1.24 15.50 18.05
CA SER D 181 -2.22 16.58 18.12
C SER D 181 -3.56 16.09 18.65
N GLN D 182 -3.83 14.79 18.49
CA GLN D 182 -5.08 14.20 18.96
C GLN D 182 -4.98 13.77 20.44
N GLY D 183 -3.76 13.69 20.97
CA GLY D 183 -3.56 13.24 22.34
C GLY D 183 -3.52 11.73 22.47
N ILE D 184 -2.65 11.21 23.32
CA ILE D 184 -2.51 9.76 23.53
C ILE D 184 -3.25 9.38 24.80
N SER D 185 -4.33 8.63 24.67
CA SER D 185 -5.14 8.23 25.84
C SER D 185 -4.65 6.92 26.48
N THR D 186 -4.80 6.81 27.80
CA THR D 186 -4.46 5.60 28.53
C THR D 186 -5.63 4.64 28.60
N ASP D 187 -6.77 5.08 28.06
CA ASP D 187 -7.96 4.25 28.02
C ASP D 187 -8.55 4.25 26.59
N ALA D 188 -8.90 3.06 26.11
CA ALA D 188 -9.44 2.89 24.76
C ALA D 188 -10.87 3.40 24.61
N PHE D 189 -11.58 3.55 25.72
CA PHE D 189 -13.01 3.83 25.65
C PHE D 189 -13.39 5.25 26.09
N GLU D 190 -12.46 5.89 26.80
CA GLU D 190 -12.63 7.28 27.23
C GLU D 190 -11.35 8.04 27.01
N ARG D 191 -11.46 9.30 26.58
CA ARG D 191 -10.26 10.11 26.41
C ARG D 191 -9.63 10.45 27.77
N LYS D 192 -8.50 9.81 28.07
CA LYS D 192 -7.69 10.16 29.23
C LYS D 192 -6.27 10.46 28.80
N PRO D 193 -6.08 11.62 28.14
CA PRO D 193 -4.80 11.90 27.49
C PRO D 193 -3.70 12.10 28.50
N ILE D 194 -2.46 11.80 28.10
CA ILE D 194 -1.32 12.14 28.94
C ILE D 194 -0.34 13.07 28.20
#